data_7BM0
#
_entry.id   7BM0
#
_cell.length_a   72.952
_cell.length_b   72.952
_cell.length_c   196.450
_cell.angle_alpha   90.000
_cell.angle_beta   90.000
_cell.angle_gamma   90.000
#
_symmetry.space_group_name_H-M   'P 41 21 2'
#
loop_
_entity.id
_entity.type
_entity.pdbx_description
1 polymer 'NS3 helicase domain'
2 non-polymer 'PHOSPHOAMINOPHOSPHONIC ACID-ADENYLATE ESTER'
3 non-polymer 'SODIUM ION'
4 non-polymer 'MANGANESE (II) ION'
5 water water
#
_entity_poly.entity_id   1
_entity_poly.type   'polypeptide(L)'
_entity_poly.pdbx_seq_one_letter_code
;MGHHHHHHHHHHSSGHIDDDDKHMEKSRPNLPQAVVGTGWTSKGQITVLDMHPGSGKTHRVLPELIRQCIDRRLRTLVLA
PTRVVLKEMERALNGKRVRFHSPAVSDQQAGGAIVDVMCHATYVNRRLLPQGRQNWEVAIMDEAHWTDPHSIAARGHLYT
LAKENKCALVLMTATPPGKSEPFPESNGAITSEERQIPDGEWRDGFDWITEYEGRTAWFVPSIAKGGAIARTLRQKGKSV
ICLNSKTFEKDYSRVRDEKPDFVVTTDISEMGANLDVSRVIDGRTNIKPEEVDGKVELTGTRRVTTASAAQRRGRVGRQD
GRTDEYIYSGQCDDDDSGLVQWKEAQILLDNITTLRGPVATFYGPEQDKMPEVAGHFRLTEEKRKHFRHLLTHCDFTPWL
AWHVAANVSSVTDRSWTWEGPEANAVDEASGDLVTFRSPNGAERTLRPVWKDARMFKEGRDIKEFVAYASGRR
;
_entity_poly.pdbx_strand_id   A
#
loop_
_chem_comp.id
_chem_comp.type
_chem_comp.name
_chem_comp.formula
ANP non-polymer 'PHOSPHOAMINOPHOSPHONIC ACID-ADENYLATE ESTER' 'C10 H17 N6 O12 P3'
MN non-polymer 'MANGANESE (II) ION' 'Mn 2'
NA non-polymer 'SODIUM ION' 'Na 1'
#
# COMPACT_ATOMS: atom_id res chain seq x y z
N PRO A 32 22.44 -17.05 7.47
CA PRO A 32 21.16 -16.41 7.78
C PRO A 32 21.41 -14.94 8.08
N GLN A 33 20.79 -14.41 9.13
CA GLN A 33 21.02 -13.03 9.65
C GLN A 33 21.35 -13.16 11.14
N ALA A 34 22.16 -12.25 11.71
CA ALA A 34 22.81 -12.40 13.03
C ALA A 34 21.78 -12.46 14.17
N VAL A 35 20.87 -11.49 14.21
CA VAL A 35 19.90 -11.30 15.34
C VAL A 35 18.83 -12.41 15.36
N VAL A 36 18.77 -13.28 14.35
CA VAL A 36 17.70 -14.31 14.33
C VAL A 36 18.32 -15.71 14.56
N GLY A 37 19.30 -15.81 15.49
CA GLY A 37 19.84 -17.09 16.01
C GLY A 37 18.94 -17.74 17.08
N THR A 38 18.67 -17.07 18.21
CA THR A 38 17.72 -17.51 19.28
C THR A 38 17.50 -16.37 20.28
N GLY A 39 16.40 -16.38 21.07
CA GLY A 39 16.03 -15.25 21.96
C GLY A 39 15.29 -14.13 21.23
N TRP A 40 15.38 -14.06 19.90
CA TRP A 40 14.54 -13.15 19.06
C TRP A 40 13.06 -13.48 19.32
N THR A 41 12.74 -14.73 19.64
CA THR A 41 11.36 -15.19 19.91
C THR A 41 10.94 -14.83 21.34
N SER A 42 11.76 -14.13 22.11
CA SER A 42 11.45 -13.74 23.51
C SER A 42 10.49 -12.54 23.58
N LYS A 43 9.42 -12.72 24.37
CA LYS A 43 8.39 -11.68 24.58
C LYS A 43 9.10 -10.38 24.93
N GLY A 44 8.76 -9.30 24.23
CA GLY A 44 9.36 -7.97 24.42
C GLY A 44 10.49 -7.71 23.44
N GLN A 45 10.96 -8.74 22.74
CA GLN A 45 12.07 -8.54 21.77
C GLN A 45 11.54 -8.05 20.41
N ILE A 46 12.03 -6.90 19.96
CA ILE A 46 11.80 -6.26 18.65
C ILE A 46 13.07 -6.37 17.83
N THR A 47 13.04 -7.12 16.75
CA THR A 47 14.19 -7.24 15.81
C THR A 47 13.81 -6.60 14.50
N VAL A 48 14.63 -5.66 14.02
CA VAL A 48 14.49 -4.99 12.70
C VAL A 48 15.53 -5.60 11.76
N LEU A 49 15.07 -6.29 10.72
CA LEU A 49 15.95 -6.86 9.68
C LEU A 49 15.97 -5.89 8.51
N ASP A 50 16.93 -4.98 8.55
CA ASP A 50 17.35 -4.12 7.42
C ASP A 50 18.05 -5.02 6.41
N MET A 51 17.31 -5.56 5.45
CA MET A 51 17.86 -6.50 4.43
C MET A 51 17.53 -5.94 3.05
N HIS A 52 18.55 -5.77 2.19
CA HIS A 52 18.41 -5.06 0.88
C HIS A 52 17.46 -5.85 -0.01
N PRO A 53 16.92 -5.21 -1.09
CA PRO A 53 16.04 -5.95 -1.99
C PRO A 53 16.72 -7.16 -2.62
N GLY A 54 15.97 -8.24 -2.85
CA GLY A 54 16.50 -9.51 -3.39
C GLY A 54 17.41 -10.27 -2.41
N SER A 55 17.58 -9.82 -1.16
CA SER A 55 18.53 -10.47 -0.19
C SER A 55 17.93 -11.73 0.45
N GLY A 56 16.65 -12.08 0.21
CA GLY A 56 16.02 -13.31 0.74
C GLY A 56 15.06 -13.13 1.92
N LYS A 57 14.60 -11.90 2.21
CA LYS A 57 13.58 -11.66 3.29
C LYS A 57 12.42 -12.66 3.18
N THR A 58 11.77 -12.71 2.02
CA THR A 58 10.47 -13.44 1.85
C THR A 58 10.73 -14.94 1.68
N HIS A 59 11.69 -15.34 0.85
CA HIS A 59 11.84 -16.74 0.40
C HIS A 59 12.96 -17.49 1.15
N ARG A 60 13.77 -16.82 1.97
CA ARG A 60 14.94 -17.49 2.64
C ARG A 60 14.88 -17.27 4.15
N VAL A 61 14.96 -16.01 4.61
CA VAL A 61 14.88 -15.70 6.07
C VAL A 61 13.52 -16.17 6.60
N LEU A 62 12.43 -15.67 6.02
CA LEU A 62 11.07 -15.96 6.54
C LEU A 62 10.88 -17.47 6.76
N PRO A 63 11.12 -18.38 5.79
CA PRO A 63 10.87 -19.81 6.01
C PRO A 63 11.75 -20.40 7.14
N GLU A 64 12.94 -19.84 7.37
CA GLU A 64 13.82 -20.24 8.51
C GLU A 64 13.25 -19.69 9.83
N LEU A 65 12.75 -18.45 9.87
CA LEU A 65 12.06 -17.97 11.10
C LEU A 65 10.90 -18.93 11.38
N ILE A 66 10.16 -19.32 10.35
CA ILE A 66 8.92 -20.12 10.52
C ILE A 66 9.29 -21.54 11.02
N ARG A 67 10.31 -22.17 10.45
CA ARG A 67 10.83 -23.51 10.88
C ARG A 67 11.18 -23.47 12.39
N GLN A 68 11.80 -22.41 12.87
CA GLN A 68 12.17 -22.27 14.30
C GLN A 68 10.92 -22.11 15.15
N CYS A 69 10.02 -21.24 14.73
CA CYS A 69 8.75 -20.98 15.44
C CYS A 69 7.98 -22.30 15.58
N ILE A 70 7.95 -23.13 14.55
CA ILE A 70 7.18 -24.40 14.54
C ILE A 70 7.88 -25.40 15.48
N ASP A 71 9.21 -25.53 15.34
CA ASP A 71 10.07 -26.33 16.25
C ASP A 71 9.76 -25.96 17.70
N ARG A 72 9.80 -24.67 18.06
CA ARG A 72 9.64 -24.14 19.45
C ARG A 72 8.17 -24.01 19.87
N ARG A 73 7.24 -24.38 18.99
CA ARG A 73 5.77 -24.40 19.24
C ARG A 73 5.31 -23.03 19.74
N LEU A 74 5.72 -21.98 19.04
CA LEU A 74 5.31 -20.59 19.33
C LEU A 74 4.22 -20.19 18.32
N ARG A 75 3.07 -19.76 18.84
CA ARG A 75 1.94 -19.25 18.02
C ARG A 75 2.48 -18.05 17.23
N THR A 76 2.50 -18.12 15.89
CA THR A 76 3.20 -17.09 15.06
C THR A 76 2.23 -16.46 14.04
N LEU A 77 2.25 -15.12 14.00
CA LEU A 77 1.58 -14.30 12.95
C LEU A 77 2.59 -13.87 11.89
N VAL A 78 2.31 -14.11 10.58
CA VAL A 78 3.12 -13.58 9.44
C VAL A 78 2.26 -12.63 8.62
N LEU A 79 2.72 -11.39 8.43
CA LEU A 79 1.93 -10.32 7.75
C LEU A 79 2.61 -10.01 6.40
N ALA A 80 1.90 -10.31 5.32
CA ALA A 80 2.24 -9.91 3.93
C ALA A 80 1.53 -8.61 3.57
N PRO A 81 2.13 -7.67 2.79
CA PRO A 81 1.46 -6.42 2.51
C PRO A 81 0.27 -6.64 1.57
N THR A 82 0.41 -7.57 0.67
CA THR A 82 -0.52 -7.70 -0.47
C THR A 82 -0.68 -9.15 -0.85
N ARG A 83 -1.68 -9.38 -1.69
CA ARG A 83 -2.04 -10.72 -2.20
C ARG A 83 -0.84 -11.27 -2.97
N VAL A 84 -0.11 -10.45 -3.73
CA VAL A 84 1.02 -11.03 -4.52
C VAL A 84 2.08 -11.56 -3.55
N VAL A 85 2.45 -10.79 -2.52
CA VAL A 85 3.49 -11.21 -1.53
C VAL A 85 2.94 -12.42 -0.74
N LEU A 86 1.64 -12.46 -0.43
CA LEU A 86 0.99 -13.61 0.27
C LEU A 86 1.17 -14.87 -0.59
N LYS A 87 1.01 -14.81 -1.92
CA LYS A 87 1.23 -16.02 -2.76
C LYS A 87 2.71 -16.36 -2.82
N GLU A 88 3.61 -15.36 -2.80
CA GLU A 88 5.08 -15.54 -2.65
C GLU A 88 5.31 -16.43 -1.40
N MET A 89 4.69 -16.05 -0.28
CA MET A 89 4.83 -16.73 1.05
C MET A 89 4.28 -18.15 0.96
N GLU A 90 3.19 -18.38 0.23
CA GLU A 90 2.62 -19.75 0.06
C GLU A 90 3.64 -20.71 -0.56
N ARG A 91 4.38 -20.26 -1.58
CA ARG A 91 5.46 -21.06 -2.24
C ARG A 91 6.63 -21.27 -1.27
N ALA A 92 7.14 -20.18 -0.69
CA ALA A 92 8.25 -20.18 0.30
C ALA A 92 7.94 -21.07 1.52
N LEU A 93 6.68 -21.18 1.95
CA LEU A 93 6.26 -21.96 3.16
C LEU A 93 5.58 -23.26 2.78
N ASN A 94 5.63 -23.61 1.50
CA ASN A 94 5.15 -24.93 1.01
C ASN A 94 5.88 -26.04 1.80
N GLY A 95 5.15 -27.10 2.19
CA GLY A 95 5.68 -28.24 2.94
C GLY A 95 5.75 -27.96 4.44
N LYS A 96 5.12 -26.88 4.92
CA LYS A 96 5.04 -26.56 6.37
C LYS A 96 3.56 -26.47 6.78
N ARG A 97 3.24 -26.85 8.02
CA ARG A 97 1.89 -26.71 8.63
C ARG A 97 1.64 -25.23 8.97
N VAL A 98 1.11 -24.51 7.99
CA VAL A 98 0.85 -23.05 8.13
C VAL A 98 -0.56 -22.80 7.63
N ARG A 99 -1.29 -21.86 8.23
CA ARG A 99 -2.67 -21.51 7.81
C ARG A 99 -2.66 -20.14 7.12
N PHE A 100 -3.16 -20.10 5.89
CA PHE A 100 -3.24 -18.90 5.01
C PHE A 100 -4.66 -18.34 5.04
N HIS A 101 -4.80 -17.05 5.29
CA HIS A 101 -6.09 -16.33 5.45
C HIS A 101 -6.33 -15.41 4.27
N SER A 102 -7.46 -15.58 3.59
CA SER A 102 -8.09 -14.51 2.76
C SER A 102 -8.85 -13.57 3.71
N GLY A 112 -5.10 -27.43 12.75
CA GLY A 112 -3.76 -28.03 12.93
C GLY A 112 -2.69 -26.97 13.21
N ALA A 113 -2.54 -26.00 12.31
CA ALA A 113 -1.41 -25.04 12.23
C ALA A 113 -1.37 -24.08 13.43
N ILE A 114 -0.17 -23.72 13.88
CA ILE A 114 0.05 -22.63 14.89
C ILE A 114 0.70 -21.40 14.22
N VAL A 115 0.89 -21.42 12.90
CA VAL A 115 1.37 -20.23 12.14
C VAL A 115 0.21 -19.73 11.26
N ASP A 116 -0.16 -18.46 11.43
CA ASP A 116 -1.17 -17.78 10.60
C ASP A 116 -0.49 -16.76 9.66
N VAL A 117 -0.78 -16.88 8.37
CA VAL A 117 -0.27 -15.91 7.34
C VAL A 117 -1.46 -15.15 6.77
N MET A 118 -1.40 -13.82 6.82
CA MET A 118 -2.48 -12.95 6.28
C MET A 118 -1.89 -11.60 5.91
N CYS A 119 -2.69 -10.80 5.23
CA CYS A 119 -2.27 -9.44 4.82
C CYS A 119 -2.29 -8.50 6.01
N HIS A 120 -1.47 -7.45 5.94
CA HIS A 120 -1.46 -6.32 6.92
C HIS A 120 -2.90 -5.90 7.18
N ALA A 121 -3.70 -5.64 6.13
CA ALA A 121 -5.08 -5.13 6.30
C ALA A 121 -5.95 -6.17 7.00
N THR A 122 -5.77 -7.45 6.67
CA THR A 122 -6.65 -8.54 7.18
C THR A 122 -6.51 -8.56 8.71
N TYR A 123 -5.30 -8.36 9.17
CA TYR A 123 -4.98 -8.39 10.61
C TYR A 123 -5.74 -7.28 11.31
N VAL A 124 -5.60 -6.06 10.78
CA VAL A 124 -6.15 -4.82 11.37
C VAL A 124 -7.66 -4.93 11.33
N ASN A 125 -8.19 -5.36 10.18
CA ASN A 125 -9.66 -5.35 9.95
C ASN A 125 -10.30 -6.38 10.90
N ARG A 126 -9.72 -7.56 11.08
CA ARG A 126 -10.33 -8.53 12.03
C ARG A 126 -10.23 -8.00 13.48
N ARG A 127 -9.31 -7.11 13.80
CA ARG A 127 -9.23 -6.56 15.18
C ARG A 127 -10.27 -5.47 15.40
N LEU A 128 -10.92 -5.01 14.33
CA LEU A 128 -12.03 -4.04 14.46
C LEU A 128 -13.25 -4.72 15.13
N LEU A 129 -13.30 -6.07 15.21
CA LEU A 129 -14.29 -6.89 15.97
C LEU A 129 -13.71 -7.27 17.33
N GLY A 132 -13.75 -11.41 19.15
CA GLY A 132 -13.07 -12.59 19.70
C GLY A 132 -11.68 -12.75 19.11
N ARG A 133 -10.72 -11.93 19.55
CA ARG A 133 -9.42 -11.78 18.84
C ARG A 133 -8.50 -12.96 19.10
N GLN A 134 -7.83 -13.40 18.05
CA GLN A 134 -6.76 -14.44 18.11
C GLN A 134 -5.50 -13.77 18.65
N ASN A 135 -4.66 -14.52 19.37
CA ASN A 135 -3.41 -14.00 19.96
C ASN A 135 -2.24 -14.85 19.45
N TRP A 136 -1.11 -14.17 19.21
CA TRP A 136 0.16 -14.78 18.74
C TRP A 136 1.28 -14.22 19.61
N GLU A 137 2.25 -15.03 19.99
CA GLU A 137 3.37 -14.53 20.85
C GLU A 137 4.55 -14.14 19.98
N VAL A 138 4.55 -14.56 18.71
CA VAL A 138 5.55 -14.09 17.69
C VAL A 138 4.82 -13.50 16.49
N ALA A 139 5.24 -12.30 16.08
CA ALA A 139 4.73 -11.57 14.90
C ALA A 139 5.91 -11.16 14.00
N ILE A 140 5.81 -11.52 12.72
CA ILE A 140 6.74 -11.17 11.64
C ILE A 140 6.01 -10.31 10.58
N MET A 141 6.45 -9.08 10.35
CA MET A 141 5.85 -8.18 9.32
C MET A 141 6.86 -8.02 8.17
N ASP A 142 6.51 -8.58 7.02
CA ASP A 142 7.23 -8.37 5.74
C ASP A 142 6.83 -6.99 5.16
N GLU A 143 7.80 -6.31 4.54
CA GLU A 143 7.63 -4.96 3.92
C GLU A 143 7.11 -3.96 4.93
N ALA A 144 7.82 -3.84 6.04
CA ALA A 144 7.42 -3.09 7.24
C ALA A 144 7.68 -1.58 7.07
N HIS A 145 8.11 -1.14 5.88
CA HIS A 145 8.21 0.30 5.50
C HIS A 145 6.89 0.83 4.92
N TRP A 146 5.99 -0.05 4.45
CA TRP A 146 4.78 0.40 3.68
C TRP A 146 3.98 1.45 4.47
N THR A 147 3.68 2.57 3.83
CA THR A 147 2.94 3.71 4.42
C THR A 147 1.43 3.67 4.04
N ASP A 148 0.91 2.52 3.62
CA ASP A 148 -0.54 2.22 3.69
C ASP A 148 -1.01 2.31 5.14
N PRO A 149 -2.17 2.95 5.39
CA PRO A 149 -2.64 3.16 6.76
C PRO A 149 -2.86 1.87 7.55
N HIS A 150 -3.40 0.79 6.94
CA HIS A 150 -3.50 -0.54 7.59
C HIS A 150 -2.09 -0.97 8.03
N SER A 151 -1.08 -0.77 7.20
CA SER A 151 0.29 -1.24 7.48
C SER A 151 0.85 -0.45 8.68
N ILE A 152 0.69 0.88 8.69
CA ILE A 152 1.19 1.77 9.79
C ILE A 152 0.50 1.35 11.08
N ALA A 153 -0.80 1.11 11.00
CA ALA A 153 -1.61 0.73 12.17
C ALA A 153 -1.16 -0.63 12.68
N ALA A 154 -0.95 -1.60 11.79
CA ALA A 154 -0.55 -2.97 12.20
C ALA A 154 0.80 -2.88 12.93
N ARG A 155 1.78 -2.15 12.42
CA ARG A 155 3.12 -2.20 13.04
C ARG A 155 3.08 -1.41 14.35
N GLY A 156 2.21 -0.39 14.45
CA GLY A 156 1.99 0.37 15.70
C GLY A 156 1.41 -0.52 16.78
N HIS A 157 0.36 -1.27 16.45
CA HIS A 157 -0.26 -2.23 17.38
C HIS A 157 0.79 -3.24 17.86
N LEU A 158 1.54 -3.83 16.93
CA LEU A 158 2.44 -4.96 17.27
C LEU A 158 3.62 -4.43 18.12
N TYR A 159 4.09 -3.23 17.82
CA TYR A 159 5.14 -2.53 18.59
C TYR A 159 4.64 -2.26 20.01
N THR A 160 3.44 -1.69 20.13
CA THR A 160 2.75 -1.41 21.43
C THR A 160 2.67 -2.70 22.26
N LEU A 161 2.36 -3.84 21.66
CA LEU A 161 2.30 -5.18 22.30
C LEU A 161 3.72 -5.62 22.70
N ALA A 162 4.68 -5.52 21.80
CA ALA A 162 6.05 -5.97 22.05
C ALA A 162 6.59 -5.16 23.24
N LYS A 163 6.38 -3.85 23.21
CA LYS A 163 6.79 -2.89 24.28
C LYS A 163 6.10 -3.25 25.59
N GLU A 164 4.96 -3.94 25.57
CA GLU A 164 4.24 -4.42 26.80
C GLU A 164 4.62 -5.86 27.15
N ASN A 165 5.59 -6.46 26.45
CA ASN A 165 6.01 -7.86 26.68
C ASN A 165 4.86 -8.83 26.43
N LYS A 166 3.95 -8.52 25.49
CA LYS A 166 2.88 -9.47 25.09
C LYS A 166 3.35 -10.34 23.94
N CYS A 167 4.37 -9.90 23.18
CA CYS A 167 4.86 -10.65 22.00
C CYS A 167 6.27 -10.21 21.60
N ALA A 168 6.91 -11.05 20.79
CA ALA A 168 8.14 -10.76 20.02
C ALA A 168 7.72 -10.26 18.63
N LEU A 169 8.39 -9.22 18.14
CA LEU A 169 8.12 -8.61 16.80
C LEU A 169 9.37 -8.67 15.92
N VAL A 170 9.24 -9.19 14.70
CA VAL A 170 10.28 -8.98 13.65
C VAL A 170 9.70 -8.07 12.56
N LEU A 171 10.39 -6.99 12.24
CA LEU A 171 10.10 -6.13 11.06
C LEU A 171 11.16 -6.33 9.99
N MET A 172 10.75 -6.73 8.79
CA MET A 172 11.66 -6.97 7.64
C MET A 172 11.37 -5.95 6.56
N THR A 173 12.39 -5.23 6.10
CA THR A 173 12.27 -4.27 4.98
C THR A 173 13.67 -3.82 4.56
N ALA A 174 13.82 -3.49 3.29
CA ALA A 174 15.03 -2.83 2.76
C ALA A 174 15.18 -1.47 3.41
N THR A 175 14.08 -0.80 3.80
CA THR A 175 14.16 0.58 4.32
C THR A 175 13.36 0.74 5.60
N PRO A 176 13.98 0.37 6.76
CA PRO A 176 13.35 0.58 8.06
C PRO A 176 12.95 2.04 8.21
N PRO A 177 11.75 2.30 8.80
CA PRO A 177 11.33 3.65 9.10
C PRO A 177 12.40 4.32 9.96
N GLY A 178 12.82 5.52 9.60
CA GLY A 178 13.94 6.22 10.26
C GLY A 178 15.16 6.29 9.37
N LYS A 179 15.38 5.28 8.54
CA LYS A 179 16.61 5.21 7.73
C LYS A 179 16.31 5.82 6.37
N SER A 180 17.10 6.81 5.97
CA SER A 180 16.96 7.49 4.67
C SER A 180 18.05 6.99 3.71
N GLU A 181 17.76 5.98 2.88
CA GLU A 181 18.78 5.43 1.95
C GLU A 181 18.14 5.01 0.62
N PRO A 182 18.20 5.87 -0.44
CA PRO A 182 17.52 5.58 -1.71
C PRO A 182 18.31 4.61 -2.61
N PHE A 183 19.55 4.35 -2.23
CA PHE A 183 20.44 3.46 -3.01
C PHE A 183 20.89 2.31 -2.14
N PRO A 184 20.02 1.39 -1.66
CA PRO A 184 20.54 0.28 -0.88
C PRO A 184 21.43 -0.63 -1.76
N GLU A 185 21.90 -1.69 -1.13
CA GLU A 185 22.72 -2.78 -1.71
C GLU A 185 21.85 -3.57 -2.68
N SER A 186 22.46 -4.36 -3.55
CA SER A 186 21.72 -5.17 -4.55
C SER A 186 22.53 -6.44 -4.83
N ASN A 187 21.90 -7.52 -5.32
CA ASN A 187 22.59 -8.78 -5.68
C ASN A 187 23.57 -8.52 -6.85
N GLY A 188 23.17 -7.69 -7.82
CA GLY A 188 24.06 -7.27 -8.93
C GLY A 188 24.17 -5.77 -8.98
N ALA A 189 25.01 -5.26 -9.87
CA ALA A 189 25.30 -3.82 -9.96
C ALA A 189 24.11 -3.09 -10.60
N ILE A 190 23.89 -1.89 -10.14
CA ILE A 190 22.97 -0.95 -10.79
C ILE A 190 23.78 0.28 -11.13
N THR A 191 23.70 0.70 -12.39
CA THR A 191 24.13 2.05 -12.80
C THR A 191 22.94 3.01 -12.72
N SER A 192 22.99 3.96 -11.80
CA SER A 192 21.97 5.03 -11.59
C SER A 192 22.45 6.31 -12.23
N GLU A 193 21.61 6.89 -13.09
CA GLU A 193 21.86 8.15 -13.81
C GLU A 193 20.61 9.04 -13.77
N GLU A 194 20.81 10.33 -13.46
CA GLU A 194 19.74 11.36 -13.48
C GLU A 194 19.60 11.82 -14.92
N ARG A 195 18.41 11.66 -15.51
CA ARG A 195 18.04 12.22 -16.83
C ARG A 195 16.67 12.87 -16.71
N GLN A 196 16.36 13.82 -17.59
CA GLN A 196 15.00 14.34 -17.70
C GLN A 196 14.10 13.19 -18.20
N ILE A 197 12.95 13.04 -17.57
CA ILE A 197 11.97 11.97 -17.91
C ILE A 197 10.66 12.63 -18.30
N PRO A 198 10.03 12.21 -19.41
CA PRO A 198 8.74 12.79 -19.82
C PRO A 198 7.66 12.58 -18.76
N ASP A 199 6.86 13.61 -18.54
CA ASP A 199 5.76 13.65 -17.53
C ASP A 199 4.42 13.39 -18.22
N GLY A 200 4.44 12.93 -19.46
CA GLY A 200 3.23 12.87 -20.30
C GLY A 200 3.64 12.58 -21.72
N GLU A 201 2.73 12.68 -22.69
CA GLU A 201 3.04 12.36 -24.11
C GLU A 201 4.26 13.17 -24.52
N TRP A 202 5.06 12.62 -25.42
CA TRP A 202 6.26 13.32 -25.93
C TRP A 202 6.40 12.80 -27.36
N ARG A 203 7.05 13.54 -28.24
CA ARG A 203 7.26 13.08 -29.63
C ARG A 203 8.75 12.85 -29.82
N ASP A 204 9.56 13.90 -29.95
CA ASP A 204 11.01 13.68 -30.16
C ASP A 204 11.73 14.10 -28.88
N GLY A 205 13.03 13.82 -28.84
CA GLY A 205 13.97 14.38 -27.84
C GLY A 205 14.32 13.41 -26.71
N PHE A 206 13.79 12.18 -26.70
CA PHE A 206 14.03 11.23 -25.58
C PHE A 206 14.29 9.86 -26.17
N ASP A 207 15.21 9.79 -27.12
CA ASP A 207 15.47 8.56 -27.92
C ASP A 207 16.07 7.47 -27.04
N TRP A 208 16.79 7.84 -25.99
CA TRP A 208 17.38 6.86 -25.04
C TRP A 208 16.27 5.94 -24.52
N ILE A 209 15.01 6.39 -24.54
CA ILE A 209 13.86 5.58 -24.00
C ILE A 209 13.56 4.43 -24.94
N THR A 210 13.39 4.70 -26.23
CA THR A 210 12.94 3.72 -27.23
C THR A 210 14.10 3.00 -27.89
N GLU A 211 15.33 3.50 -27.85
CA GLU A 211 16.49 2.82 -28.50
C GLU A 211 17.07 1.73 -27.59
N TYR A 212 16.68 1.68 -26.31
CA TYR A 212 17.07 0.63 -25.33
C TYR A 212 16.60 -0.75 -25.81
N GLU A 213 17.47 -1.76 -25.73
CA GLU A 213 17.21 -3.10 -26.32
C GLU A 213 16.56 -4.05 -25.30
N GLY A 214 16.64 -3.78 -23.99
CA GLY A 214 16.04 -4.65 -22.97
C GLY A 214 14.61 -4.25 -22.58
N ARG A 215 14.12 -4.80 -21.47
N ARG A 215 14.09 -4.87 -21.51
CA ARG A 215 12.75 -4.52 -20.95
CA ARG A 215 12.74 -4.61 -20.91
C ARG A 215 12.85 -3.54 -19.79
C ARG A 215 12.87 -3.54 -19.82
N THR A 216 11.87 -2.64 -19.69
CA THR A 216 11.90 -1.50 -18.76
C THR A 216 10.65 -1.56 -17.87
N ALA A 217 10.82 -1.18 -16.62
CA ALA A 217 9.71 -0.79 -15.73
C ALA A 217 9.81 0.71 -15.52
N TRP A 218 8.73 1.41 -15.89
CA TRP A 218 8.62 2.87 -15.73
C TRP A 218 7.56 3.17 -14.66
N PHE A 219 7.98 3.73 -13.54
CA PHE A 219 7.08 4.11 -12.42
C PHE A 219 6.49 5.48 -12.73
N VAL A 220 5.19 5.59 -12.53
CA VAL A 220 4.40 6.84 -12.79
C VAL A 220 3.58 7.14 -11.55
N PRO A 221 3.29 8.43 -11.32
CA PRO A 221 2.70 8.83 -10.05
C PRO A 221 1.21 8.53 -9.89
N SER A 222 0.54 8.25 -11.01
CA SER A 222 -0.92 8.06 -11.11
C SER A 222 -1.27 7.15 -12.29
N ILE A 223 -2.48 6.62 -12.21
CA ILE A 223 -3.08 5.83 -13.31
C ILE A 223 -3.15 6.69 -14.55
N ALA A 224 -3.63 7.94 -14.47
CA ALA A 224 -3.86 8.77 -15.68
C ALA A 224 -2.52 9.11 -16.35
N LYS A 225 -1.52 9.47 -15.55
N LYS A 225 -1.52 9.48 -15.56
CA LYS A 225 -0.16 9.76 -16.08
CA LYS A 225 -0.17 9.75 -16.10
C LYS A 225 0.35 8.48 -16.75
C LYS A 225 0.34 8.47 -16.76
N GLY A 226 0.11 7.32 -16.13
CA GLY A 226 0.46 6.00 -16.68
C GLY A 226 -0.15 5.80 -18.05
N GLY A 227 -1.42 6.20 -18.23
CA GLY A 227 -2.15 6.08 -19.50
C GLY A 227 -1.51 6.85 -20.63
N ALA A 228 -1.07 8.09 -20.36
CA ALA A 228 -0.48 8.99 -21.38
C ALA A 228 0.87 8.42 -21.83
N ILE A 229 1.71 7.98 -20.89
CA ILE A 229 3.03 7.35 -21.19
C ILE A 229 2.80 6.09 -22.06
N ALA A 230 1.86 5.24 -21.66
CA ALA A 230 1.60 3.99 -22.40
C ALA A 230 1.17 4.31 -23.83
N ARG A 231 0.31 5.30 -24.02
CA ARG A 231 -0.21 5.61 -25.36
C ARG A 231 0.95 6.04 -26.26
N THR A 232 1.83 6.90 -25.80
CA THR A 232 3.01 7.34 -26.56
C THR A 232 3.91 6.13 -26.90
N LEU A 233 4.12 5.24 -25.93
CA LEU A 233 5.08 4.12 -26.15
C LEU A 233 4.51 3.20 -27.23
N ARG A 234 3.19 2.99 -27.23
CA ARG A 234 2.58 2.11 -28.25
C ARG A 234 2.57 2.80 -29.61
N GLN A 235 2.40 4.12 -29.64
CA GLN A 235 2.42 4.86 -30.93
C GLN A 235 3.86 4.88 -31.46
N LYS A 236 4.87 4.69 -30.58
CA LYS A 236 6.28 4.47 -30.98
C LYS A 236 6.58 2.99 -31.26
N GLY A 237 5.58 2.11 -31.24
CA GLY A 237 5.78 0.70 -31.62
C GLY A 237 6.32 -0.17 -30.51
N LYS A 238 6.21 0.25 -29.25
CA LYS A 238 6.59 -0.60 -28.10
C LYS A 238 5.35 -1.33 -27.58
N SER A 239 5.56 -2.54 -27.11
CA SER A 239 4.55 -3.34 -26.36
C SER A 239 4.53 -2.86 -24.91
N VAL A 240 3.34 -2.61 -24.36
CA VAL A 240 3.22 -2.07 -22.98
C VAL A 240 2.15 -2.82 -22.22
N ILE A 241 2.44 -3.12 -20.97
CA ILE A 241 1.44 -3.57 -19.99
C ILE A 241 1.41 -2.52 -18.90
N CYS A 242 0.22 -2.02 -18.57
CA CYS A 242 0.03 -1.05 -17.47
C CYS A 242 -0.32 -1.81 -16.21
N LEU A 243 0.40 -1.56 -15.13
CA LEU A 243 0.07 -2.18 -13.82
C LEU A 243 -0.34 -1.09 -12.87
N ASN A 244 -1.56 -1.24 -12.32
CA ASN A 244 -2.09 -0.31 -11.29
C ASN A 244 -3.26 -1.02 -10.62
N SER A 245 -3.94 -0.36 -9.69
CA SER A 245 -4.96 -1.02 -8.82
C SER A 245 -6.12 -1.54 -9.67
N LYS A 246 -6.43 -0.90 -10.80
CA LYS A 246 -7.46 -1.39 -11.76
C LYS A 246 -6.96 -2.62 -12.55
N THR A 247 -5.68 -2.71 -12.94
CA THR A 247 -5.31 -3.72 -13.96
C THR A 247 -4.51 -4.88 -13.36
N PHE A 248 -4.08 -4.77 -12.11
CA PHE A 248 -3.03 -5.68 -11.55
C PHE A 248 -3.48 -7.15 -11.61
N GLU A 249 -4.65 -7.46 -11.04
CA GLU A 249 -5.01 -8.88 -10.80
C GLU A 249 -5.07 -9.61 -12.16
N LYS A 250 -5.62 -8.95 -13.18
CA LYS A 250 -5.67 -9.49 -14.56
C LYS A 250 -4.30 -9.38 -15.30
N ASP A 251 -3.55 -8.28 -15.19
CA ASP A 251 -2.39 -8.05 -16.10
C ASP A 251 -1.03 -8.48 -15.48
N TYR A 252 -0.83 -8.57 -14.15
CA TYR A 252 0.52 -8.78 -13.58
C TYR A 252 1.12 -10.11 -14.12
N SER A 253 0.29 -11.16 -14.19
CA SER A 253 0.77 -12.51 -14.58
C SER A 253 1.04 -12.54 -16.09
N ARG A 254 0.49 -11.60 -16.88
CA ARG A 254 0.81 -11.53 -18.34
C ARG A 254 2.27 -11.09 -18.55
N VAL A 255 2.88 -10.43 -17.59
CA VAL A 255 4.21 -9.79 -17.74
C VAL A 255 5.26 -10.88 -17.98
N ARG A 256 5.33 -11.85 -17.06
CA ARG A 256 6.12 -13.10 -17.20
C ARG A 256 5.92 -13.68 -18.60
N ASP A 257 4.66 -13.85 -19.05
CA ASP A 257 4.32 -14.58 -20.29
C ASP A 257 4.59 -13.73 -21.54
N GLU A 258 4.17 -12.45 -21.56
CA GLU A 258 4.21 -11.67 -22.81
C GLU A 258 5.52 -10.90 -22.95
N LYS A 259 6.26 -10.72 -21.85
CA LYS A 259 7.56 -10.00 -21.86
C LYS A 259 7.43 -8.69 -22.63
N PRO A 260 6.57 -7.75 -22.18
CA PRO A 260 6.36 -6.53 -22.96
C PRO A 260 7.63 -5.67 -22.92
N ASP A 261 7.83 -4.80 -23.91
CA ASP A 261 8.96 -3.81 -23.90
C ASP A 261 8.91 -2.99 -22.60
N PHE A 262 7.71 -2.58 -22.19
CA PHE A 262 7.53 -1.67 -21.04
C PHE A 262 6.41 -2.18 -20.15
N VAL A 263 6.69 -2.12 -18.88
CA VAL A 263 5.65 -2.17 -17.82
C VAL A 263 5.56 -0.76 -17.29
N VAL A 264 4.42 -0.12 -17.51
CA VAL A 264 4.15 1.23 -16.96
C VAL A 264 3.33 1.03 -15.68
N THR A 265 3.91 1.28 -14.53
CA THR A 265 3.35 0.84 -13.25
C THR A 265 3.30 1.99 -12.27
N THR A 266 2.23 2.03 -11.47
CA THR A 266 2.20 2.87 -10.25
C THR A 266 3.05 2.21 -9.19
N ASP A 267 3.07 2.83 -8.02
CA ASP A 267 3.64 2.23 -6.80
C ASP A 267 3.02 0.87 -6.42
N ILE A 268 1.97 0.36 -7.10
CA ILE A 268 1.46 -1.03 -6.86
C ILE A 268 2.60 -2.06 -7.02
N SER A 269 3.63 -1.76 -7.84
CA SER A 269 4.72 -2.71 -8.17
C SER A 269 5.92 -2.51 -7.26
N GLU A 270 5.84 -1.67 -6.25
CA GLU A 270 7.00 -1.47 -5.37
C GLU A 270 7.36 -2.68 -4.52
N MET A 271 6.42 -3.59 -4.17
CA MET A 271 6.73 -4.75 -3.28
C MET A 271 6.28 -6.07 -3.91
N GLY A 272 7.23 -7.01 -4.03
CA GLY A 272 6.97 -8.43 -4.35
C GLY A 272 6.55 -8.61 -5.81
N ALA A 273 6.46 -7.51 -6.56
CA ALA A 273 6.36 -7.55 -8.04
C ALA A 273 7.73 -7.97 -8.59
N ASN A 274 7.76 -9.07 -9.32
CA ASN A 274 8.98 -9.45 -10.07
C ASN A 274 8.69 -9.12 -11.53
N LEU A 275 9.28 -8.01 -12.03
CA LEU A 275 8.93 -7.49 -13.38
C LEU A 275 9.92 -8.01 -14.43
N ASP A 276 11.04 -8.59 -13.97
CA ASP A 276 12.07 -9.23 -14.82
C ASP A 276 12.46 -8.22 -15.91
N VAL A 277 12.85 -7.03 -15.48
CA VAL A 277 13.33 -5.96 -16.36
C VAL A 277 14.82 -5.74 -16.09
N SER A 278 15.48 -4.97 -16.94
CA SER A 278 16.92 -4.61 -16.85
C SER A 278 17.08 -3.11 -16.64
N ARG A 279 15.99 -2.34 -16.76
CA ARG A 279 16.01 -0.87 -16.55
C ARG A 279 14.76 -0.43 -15.78
N VAL A 280 14.91 0.45 -14.83
CA VAL A 280 13.79 1.22 -14.24
C VAL A 280 13.95 2.69 -14.62
N ILE A 281 12.83 3.29 -15.01
CA ILE A 281 12.72 4.76 -15.21
C ILE A 281 11.85 5.27 -14.08
N ASP A 282 12.31 6.28 -13.37
CA ASP A 282 11.67 6.72 -12.12
C ASP A 282 11.73 8.23 -12.00
N GLY A 283 10.62 8.91 -12.31
CA GLY A 283 10.43 10.34 -12.07
C GLY A 283 10.37 10.69 -10.60
N ARG A 284 10.31 9.71 -9.70
CA ARG A 284 10.37 9.94 -8.24
C ARG A 284 9.22 10.82 -7.77
N THR A 285 8.05 10.66 -8.36
CA THR A 285 6.81 11.32 -7.90
C THR A 285 5.75 10.30 -7.50
N ASN A 286 4.81 10.76 -6.69
CA ASN A 286 3.60 9.99 -6.35
C ASN A 286 2.47 10.98 -6.17
N ILE A 287 1.26 10.50 -6.37
CA ILE A 287 0.03 11.25 -5.98
C ILE A 287 0.06 11.47 -4.47
N LYS A 288 -0.56 12.54 -3.97
CA LYS A 288 -0.58 12.82 -2.51
C LYS A 288 -2.02 13.06 -2.00
N PRO A 289 -2.73 12.04 -1.50
CA PRO A 289 -4.02 12.27 -0.84
C PRO A 289 -3.80 13.09 0.43
N GLU A 290 -4.46 14.23 0.51
CA GLU A 290 -4.24 15.21 1.61
C GLU A 290 -5.58 15.77 2.08
N GLU A 291 -5.82 15.83 3.38
CA GLU A 291 -7.04 16.53 3.89
C GLU A 291 -6.80 18.03 3.87
N VAL A 292 -7.59 18.76 3.09
CA VAL A 292 -7.49 20.22 2.85
C VAL A 292 -8.89 20.79 3.04
N ASP A 293 -9.06 21.62 4.06
CA ASP A 293 -10.34 22.30 4.32
C ASP A 293 -11.41 21.23 4.53
N GLY A 294 -11.11 20.16 5.29
CA GLY A 294 -12.15 19.22 5.71
C GLY A 294 -12.50 18.22 4.62
N LYS A 295 -11.78 18.24 3.48
CA LYS A 295 -12.04 17.32 2.34
C LYS A 295 -10.75 16.57 2.00
N VAL A 296 -10.81 15.35 1.46
CA VAL A 296 -9.58 14.71 0.90
C VAL A 296 -9.46 15.04 -0.59
N GLU A 297 -8.34 15.66 -0.94
CA GLU A 297 -7.96 16.07 -2.30
C GLU A 297 -6.92 15.08 -2.81
N LEU A 298 -6.90 14.94 -4.11
CA LEU A 298 -5.95 14.08 -4.84
C LEU A 298 -5.46 14.82 -6.06
N THR A 299 -4.88 16.00 -5.93
CA THR A 299 -4.34 16.74 -7.10
C THR A 299 -2.83 16.95 -6.94
N GLY A 300 -2.15 17.04 -8.08
CA GLY A 300 -0.69 17.24 -8.16
C GLY A 300 0.05 16.00 -7.70
N THR A 301 1.33 16.18 -7.42
CA THR A 301 2.25 15.14 -6.96
C THR A 301 3.10 15.68 -5.82
N ARG A 302 3.72 14.78 -5.08
CA ARG A 302 4.84 15.03 -4.15
C ARG A 302 6.04 14.22 -4.66
N ARG A 303 7.24 14.55 -4.17
CA ARG A 303 8.45 13.72 -4.33
C ARG A 303 8.28 12.42 -3.54
N VAL A 304 8.75 11.29 -4.07
CA VAL A 304 8.69 10.00 -3.33
C VAL A 304 9.58 10.14 -2.09
N THR A 305 9.34 9.29 -1.10
CA THR A 305 10.23 9.05 0.05
C THR A 305 11.45 8.26 -0.44
N THR A 306 12.50 8.17 0.37
CA THR A 306 13.70 7.36 0.03
C THR A 306 13.31 5.89 0.01
N ALA A 307 12.42 5.45 0.92
CA ALA A 307 11.98 4.04 1.00
C ALA A 307 11.36 3.66 -0.32
N SER A 308 10.54 4.55 -0.89
CA SER A 308 9.87 4.33 -2.19
C SER A 308 10.91 4.27 -3.33
N ALA A 309 11.79 5.25 -3.43
CA ALA A 309 12.85 5.30 -4.47
C ALA A 309 13.68 4.01 -4.42
N ALA A 310 13.89 3.49 -3.22
CA ALA A 310 14.75 2.30 -2.99
C ALA A 310 14.02 1.06 -3.49
N GLN A 311 12.71 0.98 -3.23
CA GLN A 311 11.90 -0.14 -3.75
C GLN A 311 11.85 -0.05 -5.28
N ARG A 312 11.63 1.15 -5.81
CA ARG A 312 11.48 1.31 -7.28
C ARG A 312 12.83 0.85 -7.93
N ARG A 313 13.92 1.38 -7.45
CA ARG A 313 15.29 0.98 -7.93
C ARG A 313 15.49 -0.53 -7.73
N GLY A 314 14.99 -1.07 -6.61
CA GLY A 314 15.13 -2.47 -6.28
C GLY A 314 14.45 -3.46 -7.17
N ARG A 315 13.69 -3.00 -8.14
CA ARG A 315 13.11 -3.89 -9.11
C ARG A 315 14.21 -4.46 -9.98
N VAL A 316 15.32 -3.75 -10.07
CA VAL A 316 16.47 -4.21 -10.84
C VAL A 316 17.69 -4.48 -9.95
N GLY A 317 18.76 -5.03 -10.52
CA GLY A 317 19.96 -5.38 -9.74
C GLY A 317 19.69 -6.58 -8.85
N ARG A 318 18.73 -7.44 -9.22
CA ARG A 318 18.39 -8.61 -8.36
C ARG A 318 19.24 -9.85 -8.73
N GLN A 319 20.10 -9.80 -9.77
CA GLN A 319 20.87 -10.99 -10.26
C GLN A 319 22.38 -10.69 -10.19
N ASP A 320 23.16 -11.48 -9.43
CA ASP A 320 24.65 -11.30 -9.33
C ASP A 320 25.23 -11.49 -10.73
N GLY A 321 26.19 -10.66 -11.13
CA GLY A 321 26.88 -10.81 -12.43
C GLY A 321 26.13 -10.16 -13.58
N ARG A 322 25.09 -9.40 -13.27
CA ARG A 322 24.35 -8.57 -14.24
C ARG A 322 24.40 -7.13 -13.77
N THR A 323 24.59 -6.22 -14.70
CA THR A 323 24.44 -4.80 -14.39
C THR A 323 23.11 -4.36 -15.04
N ASP A 324 22.29 -3.72 -14.23
CA ASP A 324 21.01 -3.13 -14.66
C ASP A 324 21.11 -1.61 -14.52
N GLU A 325 20.10 -0.88 -15.02
CA GLU A 325 20.08 0.58 -15.01
C GLU A 325 18.91 1.08 -14.16
N TYR A 326 19.14 2.14 -13.40
CA TYR A 326 18.10 2.96 -12.75
C TYR A 326 18.25 4.40 -13.25
N ILE A 327 17.30 4.84 -14.06
CA ILE A 327 17.25 6.21 -14.62
C ILE A 327 16.18 7.00 -13.85
N TYR A 328 16.58 8.08 -13.18
CA TYR A 328 15.69 8.86 -12.29
C TYR A 328 15.83 10.35 -12.59
N SER A 329 14.89 11.11 -12.07
CA SER A 329 14.88 12.59 -12.17
C SER A 329 14.59 13.17 -10.79
N GLY A 330 15.49 14.01 -10.28
CA GLY A 330 15.29 14.78 -9.04
C GLY A 330 15.54 13.97 -7.77
N GLN A 331 15.20 14.59 -6.64
CA GLN A 331 15.49 14.11 -5.28
C GLN A 331 14.23 13.53 -4.62
N CYS A 332 14.43 12.87 -3.49
CA CYS A 332 13.43 12.24 -2.61
C CYS A 332 13.02 13.25 -1.52
N ASP A 333 11.91 13.00 -0.84
CA ASP A 333 11.45 13.84 0.31
C ASP A 333 10.83 12.92 1.34
N ASP A 334 11.50 12.78 2.49
CA ASP A 334 11.10 11.84 3.56
C ASP A 334 10.05 12.50 4.43
N ASP A 335 9.84 13.81 4.28
CA ASP A 335 8.81 14.47 5.10
C ASP A 335 7.44 14.26 4.43
N ASP A 336 6.77 13.18 4.81
CA ASP A 336 5.41 12.80 4.35
C ASP A 336 4.38 13.04 5.46
N SER A 337 4.69 13.88 6.46
CA SER A 337 3.83 14.05 7.66
C SER A 337 2.49 14.68 7.27
N GLY A 338 2.40 15.36 6.12
CA GLY A 338 1.18 16.05 5.68
C GLY A 338 0.14 15.12 5.05
N LEU A 339 0.49 13.88 4.76
CA LEU A 339 -0.43 12.96 4.03
C LEU A 339 -1.51 12.43 4.98
N VAL A 340 -2.67 12.16 4.39
CA VAL A 340 -3.85 11.71 5.17
C VAL A 340 -3.58 10.32 5.69
N GLN A 341 -2.64 9.59 5.09
CA GLN A 341 -2.31 8.22 5.59
C GLN A 341 -2.07 8.17 7.10
N TRP A 342 -1.47 9.20 7.72
CA TRP A 342 -1.14 9.15 9.16
C TRP A 342 -2.43 9.26 9.98
N LYS A 343 -3.36 10.11 9.57
CA LYS A 343 -4.67 10.27 10.25
C LYS A 343 -5.43 8.97 10.08
N GLU A 344 -5.39 8.39 8.89
CA GLU A 344 -6.07 7.10 8.60
C GLU A 344 -5.48 6.01 9.46
N ALA A 345 -4.15 5.97 9.61
CA ALA A 345 -3.49 5.03 10.51
C ALA A 345 -3.98 5.21 11.95
N GLN A 346 -4.20 6.44 12.41
CA GLN A 346 -4.60 6.63 13.84
C GLN A 346 -6.05 6.19 13.99
N ILE A 347 -6.85 6.54 12.98
CA ILE A 347 -8.27 6.10 12.87
C ILE A 347 -8.33 4.60 13.10
N LEU A 348 -7.49 3.83 12.40
CA LEU A 348 -7.50 2.34 12.51
C LEU A 348 -6.93 1.92 13.87
N LEU A 349 -5.80 2.49 14.26
CA LEU A 349 -5.09 2.01 15.49
C LEU A 349 -5.96 2.30 16.75
N ASP A 350 -6.55 3.48 16.80
CA ASP A 350 -7.45 3.92 17.90
C ASP A 350 -8.63 2.95 18.06
N ASN A 351 -8.94 2.17 17.02
CA ASN A 351 -10.15 1.33 17.00
C ASN A 351 -9.76 -0.15 17.07
N ILE A 352 -8.50 -0.48 17.25
CA ILE A 352 -8.09 -1.91 17.43
C ILE A 352 -7.42 -2.07 18.80
N THR A 353 -7.46 -1.03 19.67
CA THR A 353 -6.73 -0.97 20.97
C THR A 353 -7.72 -0.89 22.15
N PRO A 358 -2.82 -0.75 26.37
CA PRO A 358 -2.91 0.71 26.36
C PRO A 358 -1.55 1.24 26.80
N VAL A 359 -1.21 2.50 26.50
CA VAL A 359 -1.79 3.37 25.47
C VAL A 359 -0.99 3.14 24.19
N ALA A 360 -1.64 2.94 23.03
CA ALA A 360 -0.94 2.53 21.79
C ALA A 360 -0.31 3.73 21.08
N THR A 361 0.88 3.53 20.49
CA THR A 361 1.55 4.48 19.57
C THR A 361 1.85 3.80 18.24
N PHE A 362 2.23 4.60 17.23
CA PHE A 362 2.88 4.13 15.98
C PHE A 362 4.21 3.49 16.36
N TYR A 363 4.73 2.66 15.49
CA TYR A 363 6.14 2.17 15.55
C TYR A 363 7.05 3.35 15.85
N GLY A 364 7.91 3.21 16.86
CA GLY A 364 8.56 4.34 17.55
C GLY A 364 8.97 5.47 16.61
N PRO A 365 9.83 5.24 15.61
CA PRO A 365 10.23 6.29 14.68
C PRO A 365 9.11 7.05 13.95
N GLU A 366 7.92 6.48 13.85
CA GLU A 366 6.79 7.17 13.12
C GLU A 366 5.89 7.86 14.13
N GLN A 367 6.15 7.70 15.43
CA GLN A 367 5.19 8.14 16.48
C GLN A 367 5.02 9.65 16.36
N ASP A 368 6.02 10.36 15.86
CA ASP A 368 5.98 11.81 15.61
C ASP A 368 4.90 12.19 14.59
N LYS A 369 4.42 11.26 13.77
CA LYS A 369 3.50 11.67 12.67
C LYS A 369 2.07 11.35 13.05
N MET A 370 1.86 10.75 14.22
CA MET A 370 0.49 10.60 14.75
C MET A 370 -0.10 12.01 14.90
N PRO A 371 -1.21 12.31 14.21
CA PRO A 371 -1.70 13.69 14.18
C PRO A 371 -2.41 14.18 15.44
N GLU A 372 -2.92 13.28 16.28
CA GLU A 372 -3.73 13.64 17.49
C GLU A 372 -3.24 12.79 18.65
N VAL A 373 -3.76 13.04 19.87
CA VAL A 373 -3.40 12.24 21.07
C VAL A 373 -4.06 10.87 20.91
N ALA A 374 -3.33 9.83 21.30
CA ALA A 374 -3.75 8.43 21.18
C ALA A 374 -5.18 8.30 21.69
N GLY A 375 -6.02 7.56 20.94
CA GLY A 375 -7.42 7.31 21.32
C GLY A 375 -8.39 8.33 20.77
N HIS A 376 -7.91 9.43 20.19
CA HIS A 376 -8.77 10.54 19.68
C HIS A 376 -9.89 10.00 18.80
N PHE A 377 -9.62 8.98 17.99
CA PHE A 377 -10.54 8.51 16.94
C PHE A 377 -11.32 7.27 17.37
N ARG A 378 -11.15 6.80 18.61
CA ARG A 378 -11.86 5.58 19.04
C ARG A 378 -13.38 5.81 18.89
N LEU A 379 -14.09 4.82 18.39
CA LEU A 379 -15.56 4.87 18.24
C LEU A 379 -16.18 3.95 19.29
N THR A 380 -17.45 4.17 19.62
CA THR A 380 -18.27 3.19 20.36
C THR A 380 -18.24 1.89 19.59
N GLU A 381 -18.55 0.79 20.25
CA GLU A 381 -18.54 -0.56 19.64
C GLU A 381 -19.51 -0.60 18.48
N GLU A 382 -20.69 0.01 18.67
CA GLU A 382 -21.77 -0.03 17.66
C GLU A 382 -21.30 0.76 16.42
N LYS A 383 -20.69 1.92 16.64
CA LYS A 383 -20.20 2.79 15.52
C LYS A 383 -18.98 2.13 14.87
N ARG A 384 -18.16 1.41 15.64
CA ARG A 384 -16.99 0.68 15.10
C ARG A 384 -17.46 -0.43 14.15
N LYS A 385 -18.57 -1.10 14.47
CA LYS A 385 -19.17 -2.14 13.62
C LYS A 385 -19.51 -1.56 12.25
N HIS A 386 -20.22 -0.44 12.24
CA HIS A 386 -20.58 0.33 11.02
C HIS A 386 -19.29 0.69 10.26
N PHE A 387 -18.32 1.26 10.96
CA PHE A 387 -16.98 1.59 10.40
C PHE A 387 -16.40 0.36 9.65
N ARG A 388 -16.33 -0.78 10.33
CA ARG A 388 -15.76 -2.01 9.75
C ARG A 388 -16.55 -2.41 8.51
N HIS A 389 -17.89 -2.44 8.58
CA HIS A 389 -18.77 -2.71 7.43
C HIS A 389 -18.40 -1.83 6.25
N LEU A 390 -18.20 -0.52 6.47
CA LEU A 390 -17.92 0.42 5.34
C LEU A 390 -16.55 0.08 4.75
N LEU A 391 -15.56 -0.24 5.58
CA LEU A 391 -14.20 -0.62 5.11
C LEU A 391 -14.27 -1.88 4.29
N THR A 392 -14.90 -2.92 4.82
CA THR A 392 -14.74 -4.32 4.34
C THR A 392 -15.79 -4.63 3.26
N HIS A 393 -16.96 -3.98 3.30
CA HIS A 393 -18.12 -4.33 2.43
C HIS A 393 -18.39 -3.21 1.42
N CYS A 394 -18.01 -1.95 1.69
CA CYS A 394 -18.35 -0.81 0.80
C CYS A 394 -17.10 -0.18 0.17
N ASP A 395 -15.89 -0.72 0.39
CA ASP A 395 -14.64 -0.24 -0.23
C ASP A 395 -14.34 1.21 0.17
N PHE A 396 -14.81 1.66 1.34
CA PHE A 396 -14.61 3.07 1.78
C PHE A 396 -13.14 3.23 2.22
N THR A 397 -12.59 4.42 2.06
CA THR A 397 -11.34 4.82 2.74
C THR A 397 -11.56 4.80 4.25
N PRO A 398 -10.51 4.55 5.06
CA PRO A 398 -10.59 4.76 6.51
C PRO A 398 -11.14 6.15 6.86
N TRP A 399 -10.66 7.17 6.19
CA TRP A 399 -11.10 8.57 6.45
C TRP A 399 -12.62 8.64 6.23
N LEU A 400 -13.12 8.24 5.05
CA LEU A 400 -14.58 8.39 4.81
C LEU A 400 -15.36 7.51 5.78
N ALA A 401 -14.97 6.24 5.94
CA ALA A 401 -15.64 5.28 6.85
C ALA A 401 -15.72 5.88 8.26
N TRP A 402 -14.67 6.53 8.75
CA TRP A 402 -14.70 7.08 10.12
C TRP A 402 -15.71 8.23 10.19
N HIS A 403 -15.65 9.18 9.27
CA HIS A 403 -16.54 10.38 9.30
C HIS A 403 -18.01 9.97 9.27
N VAL A 404 -18.35 8.99 8.43
CA VAL A 404 -19.72 8.46 8.29
C VAL A 404 -20.10 7.75 9.61
N ALA A 405 -19.33 6.79 10.07
CA ALA A 405 -19.67 5.98 11.25
C ALA A 405 -19.79 6.87 12.49
N ALA A 406 -18.92 7.89 12.62
CA ALA A 406 -18.86 8.83 13.77
C ALA A 406 -20.13 9.67 13.83
N ASN A 407 -20.71 10.02 12.68
CA ASN A 407 -21.65 11.15 12.59
C ASN A 407 -23.05 10.70 12.21
N VAL A 408 -23.19 9.59 11.48
CA VAL A 408 -24.50 9.23 10.89
C VAL A 408 -25.23 8.34 11.92
N SER A 409 -26.43 8.73 12.28
CA SER A 409 -27.28 7.97 13.25
C SER A 409 -27.30 6.48 12.87
N SER A 410 -27.80 6.16 11.68
CA SER A 410 -28.21 4.78 11.34
C SER A 410 -27.40 4.25 10.15
N VAL A 411 -27.25 2.94 10.10
CA VAL A 411 -26.46 2.23 9.05
C VAL A 411 -27.24 2.23 7.73
N THR A 412 -28.54 2.54 7.75
CA THR A 412 -29.39 2.58 6.54
C THR A 412 -29.42 4.00 5.98
N ASP A 413 -28.94 5.02 6.69
CA ASP A 413 -29.09 6.39 6.16
C ASP A 413 -28.23 6.54 4.92
N ARG A 414 -28.78 7.15 3.86
CA ARG A 414 -27.96 7.51 2.67
C ARG A 414 -28.00 9.02 2.43
N SER A 415 -28.79 9.81 3.19
CA SER A 415 -29.06 11.23 2.88
C SER A 415 -27.77 12.05 2.98
N TRP A 416 -26.78 11.58 3.71
CA TRP A 416 -25.44 12.23 3.82
C TRP A 416 -24.80 12.29 2.43
N THR A 417 -25.19 11.41 1.51
CA THR A 417 -24.55 11.40 0.16
C THR A 417 -25.07 12.54 -0.71
N TRP A 418 -26.20 13.18 -0.36
CA TRP A 418 -26.73 14.32 -1.16
C TRP A 418 -26.96 15.60 -0.34
N GLU A 419 -26.73 15.61 0.96
CA GLU A 419 -27.07 16.77 1.83
C GLU A 419 -25.80 17.55 2.17
N GLY A 420 -24.71 17.28 1.47
CA GLY A 420 -23.47 18.02 1.74
C GLY A 420 -23.55 19.42 1.14
N PRO A 421 -22.52 20.26 1.41
CA PRO A 421 -22.44 21.58 0.83
C PRO A 421 -22.32 21.50 -0.69
N GLU A 422 -22.78 22.55 -1.37
CA GLU A 422 -22.92 22.56 -2.84
C GLU A 422 -21.54 22.29 -3.47
N ALA A 423 -20.46 22.83 -2.89
CA ALA A 423 -19.10 22.69 -3.45
C ALA A 423 -18.64 21.23 -3.38
N ASN A 424 -19.34 20.34 -2.68
CA ASN A 424 -18.93 18.93 -2.54
C ASN A 424 -19.56 18.08 -3.66
N ALA A 425 -20.37 18.66 -4.55
CA ALA A 425 -21.05 17.94 -5.62
C ALA A 425 -19.99 17.27 -6.52
N VAL A 426 -20.28 16.06 -6.96
CA VAL A 426 -19.37 15.24 -7.78
C VAL A 426 -19.79 15.33 -9.24
N ASP A 427 -18.82 15.59 -10.12
CA ASP A 427 -19.08 15.78 -11.57
C ASP A 427 -18.66 14.55 -12.37
N GLU A 428 -19.44 14.24 -13.40
CA GLU A 428 -19.08 13.21 -14.40
C GLU A 428 -17.98 13.80 -15.28
N ALA A 429 -17.31 12.97 -16.08
CA ALA A 429 -16.27 13.47 -17.02
C ALA A 429 -16.91 14.50 -17.97
N SER A 430 -18.17 14.35 -18.31
CA SER A 430 -18.87 15.25 -19.27
C SER A 430 -19.23 16.61 -18.63
N GLY A 431 -18.97 16.83 -17.33
CA GLY A 431 -19.11 18.17 -16.70
C GLY A 431 -20.43 18.33 -15.95
N ASP A 432 -21.43 17.48 -16.23
CA ASP A 432 -22.69 17.45 -15.45
C ASP A 432 -22.43 16.81 -14.08
N LEU A 433 -23.10 17.32 -13.07
CA LEU A 433 -23.11 16.71 -11.71
C LEU A 433 -23.81 15.35 -11.74
N VAL A 434 -23.22 14.35 -11.09
CA VAL A 434 -23.74 12.97 -11.00
C VAL A 434 -25.14 13.01 -10.39
N THR A 435 -26.10 12.33 -10.99
CA THR A 435 -27.41 12.15 -10.35
C THR A 435 -27.71 10.66 -10.22
N PHE A 436 -28.63 10.33 -9.32
CA PHE A 436 -29.08 8.95 -9.04
C PHE A 436 -30.47 9.05 -8.38
N ARG A 437 -31.09 7.90 -8.21
CA ARG A 437 -32.45 7.77 -7.62
C ARG A 437 -32.41 6.96 -6.34
N SER A 438 -32.99 7.52 -5.29
CA SER A 438 -33.28 6.81 -4.03
C SER A 438 -34.39 5.81 -4.30
N PRO A 439 -34.57 4.80 -3.43
CA PRO A 439 -35.60 3.77 -3.63
C PRO A 439 -37.02 4.34 -3.88
N ASN A 440 -37.37 5.52 -3.34
CA ASN A 440 -38.68 6.20 -3.51
C ASN A 440 -38.76 6.98 -4.83
N GLY A 441 -37.77 6.84 -5.72
CA GLY A 441 -37.73 7.50 -7.03
C GLY A 441 -37.28 8.95 -7.01
N ALA A 442 -37.04 9.58 -5.86
CA ALA A 442 -36.47 10.96 -5.73
C ALA A 442 -35.13 11.06 -6.49
N GLU A 443 -34.99 12.04 -7.38
CA GLU A 443 -33.73 12.28 -8.11
C GLU A 443 -32.78 12.98 -7.13
N ARG A 444 -31.59 12.43 -6.97
CA ARG A 444 -30.58 13.08 -6.07
C ARG A 444 -29.43 13.57 -6.92
N THR A 445 -28.73 14.60 -6.43
CA THR A 445 -27.37 14.96 -6.90
C THR A 445 -26.32 14.43 -5.90
N LEU A 446 -25.27 13.79 -6.39
CA LEU A 446 -24.20 13.22 -5.52
C LEU A 446 -23.42 14.41 -4.97
N ARG A 447 -23.54 14.62 -3.68
CA ARG A 447 -23.10 15.88 -3.02
C ARG A 447 -22.86 15.51 -1.57
N PRO A 448 -21.85 14.66 -1.30
CA PRO A 448 -21.67 14.08 0.01
C PRO A 448 -21.22 15.10 1.06
N VAL A 449 -21.67 14.90 2.29
CA VAL A 449 -21.25 15.73 3.47
C VAL A 449 -19.73 15.64 3.63
N TRP A 450 -19.17 14.44 3.46
CA TRP A 450 -17.72 14.18 3.59
C TRP A 450 -17.26 13.75 2.21
N LYS A 451 -16.34 14.54 1.66
CA LYS A 451 -15.89 14.44 0.25
C LYS A 451 -14.47 13.89 0.26
N ASP A 452 -14.28 12.67 -0.24
CA ASP A 452 -12.95 12.03 -0.40
C ASP A 452 -12.74 11.75 -1.89
N ALA A 453 -11.90 12.54 -2.58
CA ALA A 453 -11.61 12.40 -4.04
C ALA A 453 -11.27 10.96 -4.42
N ARG A 454 -10.70 10.17 -3.51
CA ARG A 454 -10.24 8.81 -3.79
C ARG A 454 -11.43 7.93 -4.17
N MET A 455 -12.62 8.33 -3.77
CA MET A 455 -13.84 7.52 -4.00
C MET A 455 -14.27 7.67 -5.47
N PHE A 456 -13.78 8.67 -6.19
CA PHE A 456 -14.33 9.08 -7.51
C PHE A 456 -13.27 9.02 -8.59
N LYS A 457 -12.07 8.54 -8.32
CA LYS A 457 -11.05 8.42 -9.39
C LYS A 457 -9.91 7.54 -8.91
N GLU A 458 -8.85 7.45 -9.70
CA GLU A 458 -7.64 6.66 -9.34
C GLU A 458 -7.96 5.31 -8.73
N GLY A 459 -8.64 4.46 -9.45
CA GLY A 459 -8.81 3.09 -8.92
C GLY A 459 -10.22 2.86 -8.43
N ARG A 460 -10.99 3.90 -8.13
CA ARG A 460 -12.42 3.73 -7.79
C ARG A 460 -13.30 4.44 -8.82
N ASP A 461 -14.50 3.93 -9.02
CA ASP A 461 -15.48 4.43 -10.01
C ASP A 461 -16.64 5.10 -9.30
N ILE A 462 -17.13 6.20 -9.85
CA ILE A 462 -18.38 6.87 -9.40
C ILE A 462 -19.52 5.85 -9.36
N LYS A 463 -19.60 4.97 -10.36
CA LYS A 463 -20.70 3.95 -10.46
C LYS A 463 -20.77 3.11 -9.17
N GLU A 464 -19.64 2.69 -8.62
CA GLU A 464 -19.67 1.86 -7.39
C GLU A 464 -20.13 2.70 -6.18
N PHE A 465 -19.75 3.97 -6.10
CA PHE A 465 -20.23 4.84 -4.99
C PHE A 465 -21.75 5.00 -5.13
N VAL A 466 -22.24 5.14 -6.35
CA VAL A 466 -23.70 5.38 -6.61
C VAL A 466 -24.49 4.14 -6.16
N ALA A 467 -23.91 2.96 -6.29
CA ALA A 467 -24.57 1.70 -5.83
C ALA A 467 -24.82 1.87 -4.34
N TYR A 468 -23.85 2.43 -3.62
CA TYR A 468 -23.97 2.66 -2.16
C TYR A 468 -25.02 3.75 -1.92
N ALA A 469 -24.90 4.86 -2.63
CA ALA A 469 -25.65 6.11 -2.33
C ALA A 469 -27.14 5.89 -2.61
N SER A 470 -27.43 5.09 -3.64
CA SER A 470 -28.80 4.74 -4.11
C SER A 470 -29.43 3.71 -3.18
N GLY A 471 -28.70 3.19 -2.20
CA GLY A 471 -29.21 2.22 -1.21
C GLY A 471 -29.20 0.79 -1.74
N ARG A 472 -28.68 0.58 -2.95
CA ARG A 472 -28.45 -0.81 -3.46
C ARG A 472 -27.30 -1.42 -2.66
N ARG A 473 -26.53 -0.55 -1.98
CA ARG A 473 -25.22 -0.78 -1.35
C ARG A 473 -24.57 -2.06 -1.88
PG ANP B . 10.67 -7.00 -2.50
O1G ANP B . 10.08 -7.15 -3.83
O2G ANP B . 10.03 -5.94 -1.72
O3G ANP B . 10.58 -8.32 -1.89
PB ANP B . 12.84 -7.15 -0.99
O1B ANP B . 13.61 -5.90 -0.66
O2B ANP B . 11.96 -7.69 0.10
N3B ANP B . 12.20 -6.71 -2.43
PA ANP B . 13.79 -9.90 -0.56
O1A ANP B . 14.81 -9.60 0.46
O2A ANP B . 12.51 -10.47 -0.11
O3A ANP B . 13.57 -8.54 -1.37
O5' ANP B . 14.41 -10.87 -1.63
C5' ANP B . 13.54 -11.24 -2.71
C4' ANP B . 13.02 -12.62 -2.43
O4' ANP B . 12.94 -13.37 -3.66
C3' ANP B . 13.88 -13.46 -1.47
O3' ANP B . 13.04 -14.05 -0.52
C2' ANP B . 14.62 -14.42 -2.42
O2' ANP B . 14.98 -15.66 -1.87
C1' ANP B . 13.59 -14.61 -3.52
N9 ANP B . 14.16 -14.89 -4.82
C8 ANP B . 13.79 -15.82 -5.75
N7 ANP B . 14.47 -15.74 -6.86
C5 ANP B . 15.34 -14.67 -6.65
C6 ANP B . 16.33 -14.06 -7.46
N6 ANP B . 16.58 -14.43 -8.71
N1 ANP B . 17.01 -13.02 -6.94
C2 ANP B . 16.70 -12.62 -5.69
N3 ANP B . 15.80 -13.10 -4.85
C4 ANP B . 15.15 -14.14 -5.40
NA NA C . -2.50 -4.40 -22.37
MN MN D . 10.36 -9.79 -0.58
#